data_5DXP
#
_entry.id   5DXP
#
_cell.length_a   53.038
_cell.length_b   77.203
_cell.length_c   58.208
_cell.angle_alpha   90.000
_cell.angle_beta   109.790
_cell.angle_gamma   90.000
#
_symmetry.space_group_name_H-M   'P 1 21 1'
#
loop_
_entity.id
_entity.type
_entity.pdbx_description
1 polymer 'Estrogen receptor'
2 polymer 'Nuclear receptor coactivator 2'
3 non-polymer 4-[(E)-(1s,5s)-bicyclo[3.3.1]non-9-ylidene(phenyl)methyl]phenol
4 water water
#
loop_
_entity_poly.entity_id
_entity_poly.type
_entity_poly.pdbx_seq_one_letter_code
_entity_poly.pdbx_strand_id
1 'polypeptide(L)'
;IKRSKKNSLALSLTADQMVSALLDAEPPILYSEYDPTRPFSEASMMGLLTNLADRELVHMINWAKRVPGFVDLTLHDQVH
LLECAWLEILMIGLVWRSMEHPGKLLFAPNLLLDRNQGKCVEGMVEIFDMLLATSSRFRMMNLQGEEFVCLKSIILLNSG
VYTFLSSTLKSLEEKDHIHRVLDKITDTLIHLMAKAGLTLQQQHQRLAQLLLILSHIRHMSNKGMEHLYSMKCKNVVPLS
DLLLEMLDAHRLHAPTS
;
A,B
2 'polypeptide(L)' KHKILHRLLQDSSS C,D
#
loop_
_chem_comp.id
_chem_comp.type
_chem_comp.name
_chem_comp.formula
5HX non-polymer 4-[(E)-(1s,5s)-bicyclo[3.3.1]non-9-ylidene(phenyl)methyl]phenol 'C22 H24 O'
#
# COMPACT_ATOMS: atom_id res chain seq x y z
N SER A 8 -11.30 16.87 19.60
CA SER A 8 -9.91 16.83 19.15
C SER A 8 -9.48 18.17 18.55
N LEU A 9 -8.20 18.48 18.67
CA LEU A 9 -7.64 19.69 18.09
C LEU A 9 -7.75 19.66 16.57
N ALA A 10 -7.49 18.49 16.00
CA ALA A 10 -7.55 18.30 14.55
C ALA A 10 -8.94 18.63 14.01
N LEU A 11 -9.97 18.27 14.78
CA LEU A 11 -11.35 18.50 14.38
C LEU A 11 -11.80 19.91 14.75
N SER A 12 -10.93 20.63 15.46
CA SER A 12 -11.23 21.99 15.89
C SER A 12 -10.60 23.03 14.96
N LEU A 13 -9.80 22.55 14.01
CA LEU A 13 -9.12 23.45 13.07
C LEU A 13 -9.89 23.61 11.77
N THR A 14 -9.75 24.77 11.14
CA THR A 14 -10.24 24.96 9.78
C THR A 14 -9.25 24.31 8.83
N ALA A 15 -9.56 24.31 7.54
CA ALA A 15 -8.68 23.73 6.54
C ALA A 15 -7.34 24.48 6.49
N ASP A 16 -7.41 25.81 6.51
CA ASP A 16 -6.20 26.63 6.49
C ASP A 16 -5.40 26.47 7.78
N GLN A 17 -6.10 26.33 8.90
CA GLN A 17 -5.45 26.12 10.19
C GLN A 17 -4.76 24.76 10.24
N MET A 18 -5.36 23.78 9.57
CA MET A 18 -4.76 22.45 9.50
C MET A 18 -3.46 22.47 8.71
N VAL A 19 -3.48 23.12 7.55
CA VAL A 19 -2.29 23.27 6.72
C VAL A 19 -1.19 23.99 7.47
N SER A 20 -1.54 25.12 8.08
CA SER A 20 -0.61 25.94 8.83
C SER A 20 0.03 25.16 9.98
N ALA A 21 -0.76 24.33 10.64
CA ALA A 21 -0.26 23.52 11.75
C ALA A 21 0.70 22.44 11.26
N LEU A 22 0.39 21.85 10.11
CA LEU A 22 1.25 20.80 9.55
C LEU A 22 2.58 21.38 9.04
N LEU A 23 2.50 22.54 8.39
CA LEU A 23 3.70 23.23 7.91
C LEU A 23 4.59 23.67 9.07
N ASP A 24 3.97 24.06 10.17
CA ASP A 24 4.71 24.53 11.34
C ASP A 24 5.35 23.36 12.08
N ALA A 25 4.82 22.16 11.86
CA ALA A 25 5.28 20.96 12.55
C ALA A 25 6.47 20.31 11.85
N GLU A 26 6.76 20.78 10.63
CA GLU A 26 7.79 20.18 9.78
C GLU A 26 9.17 20.08 10.44
N PRO A 27 9.77 18.89 10.37
CA PRO A 27 11.15 18.68 10.81
C PRO A 27 12.13 19.32 9.84
N PRO A 28 13.36 19.56 10.28
CA PRO A 28 14.35 20.18 9.38
C PRO A 28 15.04 19.17 8.49
N ILE A 29 15.64 19.65 7.41
CA ILE A 29 16.49 18.81 6.58
C ILE A 29 17.86 18.69 7.24
N LEU A 30 18.26 17.46 7.55
CA LEU A 30 19.52 17.23 8.26
C LEU A 30 20.67 16.96 7.30
N TYR A 31 21.89 17.02 7.81
CA TYR A 31 23.07 16.73 7.02
C TYR A 31 23.67 15.39 7.37
N SER A 32 24.32 14.76 6.39
CA SER A 32 25.10 13.55 6.64
C SER A 32 26.30 13.90 7.52
N GLU A 33 26.65 13.00 8.44
CA GLU A 33 27.72 13.26 9.40
C GLU A 33 28.75 12.14 9.48
N TYR A 34 29.99 12.51 9.78
CA TYR A 34 31.04 11.54 10.06
C TYR A 34 31.01 11.14 11.53
N ASP A 35 31.68 10.04 11.86
CA ASP A 35 31.75 9.56 13.23
C ASP A 35 33.17 9.16 13.61
N SER A 44 30.94 2.31 3.96
CA SER A 44 30.49 3.24 5.00
C SER A 44 29.24 3.98 4.58
N MET A 45 28.72 3.65 3.39
CA MET A 45 27.50 4.28 2.89
C MET A 45 26.34 3.99 3.81
N MET A 46 26.19 2.73 4.20
CA MET A 46 25.15 2.33 5.13
C MET A 46 25.37 2.97 6.50
N GLY A 47 26.64 3.17 6.85
CA GLY A 47 26.98 3.84 8.10
C GLY A 47 26.46 5.26 8.12
N LEU A 48 26.64 5.97 7.02
CA LEU A 48 26.14 7.34 6.90
C LEU A 48 24.62 7.38 6.90
N LEU A 49 23.99 6.46 6.17
CA LEU A 49 22.53 6.40 6.09
C LEU A 49 21.93 6.09 7.45
N THR A 50 22.54 5.14 8.16
CA THR A 50 22.07 4.74 9.48
C THR A 50 22.15 5.91 10.47
N ASN A 51 23.26 6.62 10.45
CA ASN A 51 23.44 7.79 11.32
C ASN A 51 22.47 8.90 10.98
N LEU A 52 22.24 9.11 9.68
CA LEU A 52 21.29 10.11 9.22
C LEU A 52 19.85 9.76 9.63
N ALA A 53 19.44 8.55 9.32
CA ALA A 53 18.10 8.08 9.62
C ALA A 53 17.81 8.12 11.12
N ASP A 54 18.81 7.73 11.91
CA ASP A 54 18.69 7.73 13.36
C ASP A 54 18.39 9.13 13.91
N ARG A 55 19.09 10.13 13.40
CA ARG A 55 18.85 11.51 13.82
C ARG A 55 17.54 12.05 13.23
N GLU A 56 17.17 11.58 12.05
CA GLU A 56 15.89 11.95 11.46
C GLU A 56 14.73 11.42 12.27
N LEU A 57 14.89 10.24 12.84
CA LEU A 57 13.84 9.61 13.64
C LEU A 57 13.48 10.43 14.88
N VAL A 58 14.48 11.06 15.48
CA VAL A 58 14.25 11.89 16.66
C VAL A 58 13.38 13.08 16.32
N HIS A 59 13.68 13.74 15.20
CA HIS A 59 12.87 14.87 14.74
C HIS A 59 11.48 14.40 14.30
N MET A 60 11.40 13.20 13.74
CA MET A 60 10.13 12.64 13.28
C MET A 60 9.15 12.43 14.43
N ILE A 61 9.67 11.92 15.54
CA ILE A 61 8.86 11.69 16.72
C ILE A 61 8.32 13.01 17.26
N ASN A 62 9.17 14.03 17.28
CA ASN A 62 8.75 15.36 17.69
C ASN A 62 7.73 15.94 16.72
N TRP A 63 7.94 15.67 15.43
CA TRP A 63 6.97 16.08 14.40
C TRP A 63 5.62 15.41 14.63
N ALA A 64 5.63 14.11 14.91
CA ALA A 64 4.42 13.34 15.11
C ALA A 64 3.57 13.91 16.25
N LYS A 65 4.24 14.31 17.34
CA LYS A 65 3.55 14.90 18.47
C LYS A 65 2.91 16.25 18.12
N ARG A 66 3.37 16.84 17.02
CA ARG A 66 2.85 18.13 16.59
C ARG A 66 1.77 17.99 15.51
N VAL A 67 1.53 16.74 15.08
CA VAL A 67 0.45 16.47 14.14
C VAL A 67 -0.89 16.45 14.87
N PRO A 68 -1.82 17.33 14.47
CA PRO A 68 -3.13 17.44 15.11
C PRO A 68 -3.88 16.12 15.13
N GLY A 69 -4.28 15.68 16.32
CA GLY A 69 -4.99 14.43 16.47
C GLY A 69 -4.12 13.28 16.97
N PHE A 70 -2.81 13.39 16.78
CA PHE A 70 -1.91 12.31 17.15
C PHE A 70 -1.74 12.20 18.67
N VAL A 71 -1.66 13.35 19.34
CA VAL A 71 -1.51 13.39 20.79
C VAL A 71 -2.79 12.88 21.48
N ASP A 72 -3.93 13.08 20.83
CA ASP A 72 -5.21 12.61 21.35
C ASP A 72 -5.23 11.09 21.53
N LEU A 73 -4.34 10.41 20.82
CA LEU A 73 -4.20 8.96 20.94
C LEU A 73 -3.48 8.59 22.22
N THR A 74 -3.77 7.40 22.74
CA THR A 74 -3.03 6.85 23.86
C THR A 74 -1.59 6.60 23.42
N LEU A 75 -0.66 6.59 24.37
CA LEU A 75 0.75 6.41 24.06
C LEU A 75 1.02 5.06 23.41
N HIS A 76 0.19 4.08 23.74
CA HIS A 76 0.27 2.76 23.12
C HIS A 76 -0.01 2.86 21.62
N ASP A 77 -1.09 3.56 21.27
CA ASP A 77 -1.45 3.77 19.87
C ASP A 77 -0.38 4.58 19.14
N GLN A 78 0.20 5.55 19.83
CA GLN A 78 1.23 6.40 19.23
C GLN A 78 2.47 5.59 18.87
N VAL A 79 2.87 4.69 19.76
CA VAL A 79 4.02 3.84 19.54
C VAL A 79 3.81 2.95 18.31
N HIS A 80 2.63 2.34 18.23
CA HIS A 80 2.33 1.42 17.14
C HIS A 80 2.34 2.11 15.77
N LEU A 81 1.70 3.27 15.68
CA LEU A 81 1.64 4.02 14.43
C LEU A 81 3.04 4.40 13.94
N LEU A 82 3.87 4.88 14.86
CA LEU A 82 5.23 5.28 14.52
C LEU A 82 6.09 4.06 14.16
N GLU A 83 5.89 2.96 14.89
CA GLU A 83 6.61 1.72 14.60
C GLU A 83 6.24 1.20 13.22
N CYS A 84 5.01 1.46 12.79
CA CYS A 84 4.51 0.99 11.50
C CYS A 84 4.88 1.93 10.34
N ALA A 85 4.97 3.22 10.63
CA ALA A 85 5.08 4.23 9.58
C ALA A 85 6.49 4.79 9.34
N TRP A 86 7.39 4.61 10.31
CA TRP A 86 8.64 5.37 10.33
C TRP A 86 9.44 5.33 9.03
N LEU A 87 9.54 4.16 8.40
CA LEU A 87 10.31 4.05 7.17
C LEU A 87 9.58 4.71 6.01
N GLU A 88 8.25 4.60 6.00
CA GLU A 88 7.42 5.28 5.00
C GLU A 88 7.60 6.79 5.07
N ILE A 89 7.65 7.31 6.29
CA ILE A 89 7.79 8.74 6.51
C ILE A 89 9.18 9.21 6.09
N LEU A 90 10.19 8.42 6.41
CA LEU A 90 11.55 8.69 5.95
C LEU A 90 11.60 8.74 4.42
N MET A 91 10.89 7.83 3.78
CA MET A 91 10.93 7.70 2.32
C MET A 91 10.21 8.83 1.59
N ILE A 92 9.04 9.22 2.08
CA ILE A 92 8.31 10.30 1.43
C ILE A 92 9.06 11.63 1.61
N GLY A 93 9.78 11.74 2.72
CA GLY A 93 10.64 12.89 2.95
C GLY A 93 11.78 12.90 1.96
N LEU A 94 12.44 11.77 1.81
CA LEU A 94 13.54 11.61 0.86
C LEU A 94 13.08 11.91 -0.56
N VAL A 95 11.94 11.35 -0.93
CA VAL A 95 11.36 11.52 -2.25
C VAL A 95 11.04 12.99 -2.52
N TRP A 96 10.49 13.68 -1.51
CA TRP A 96 10.18 15.09 -1.62
C TRP A 96 11.44 15.94 -1.82
N ARG A 97 12.47 15.67 -1.02
CA ARG A 97 13.71 16.43 -1.07
C ARG A 97 14.45 16.25 -2.40
N SER A 98 14.16 15.16 -3.11
CA SER A 98 14.90 14.80 -4.31
C SER A 98 14.27 15.34 -5.59
N MET A 99 13.15 16.04 -5.46
CA MET A 99 12.36 16.45 -6.62
C MET A 99 13.12 17.40 -7.55
N GLU A 100 14.05 18.17 -7.00
CA GLU A 100 14.80 19.12 -7.81
C GLU A 100 16.08 18.51 -8.37
N HIS A 101 16.22 17.20 -8.21
CA HIS A 101 17.40 16.50 -8.70
C HIS A 101 17.06 15.21 -9.44
N PRO A 102 16.70 15.33 -10.73
CA PRO A 102 16.33 14.17 -11.56
C PRO A 102 17.41 13.10 -11.58
N GLY A 103 17.04 11.86 -11.27
CA GLY A 103 17.96 10.75 -11.29
C GLY A 103 18.87 10.69 -10.08
N LYS A 104 18.51 11.43 -9.03
CA LYS A 104 19.33 11.47 -7.83
C LYS A 104 18.46 11.46 -6.57
N LEU A 105 19.00 10.90 -5.49
CA LEU A 105 18.33 10.90 -4.20
C LEU A 105 19.06 11.82 -3.23
N LEU A 106 18.36 12.84 -2.77
CA LEU A 106 18.92 13.78 -1.81
C LEU A 106 18.64 13.33 -0.38
N PHE A 107 19.43 12.37 0.10
CA PHE A 107 19.32 11.92 1.48
C PHE A 107 19.64 13.10 2.40
N ALA A 108 20.59 13.91 1.95
CA ALA A 108 21.01 15.12 2.65
C ALA A 108 21.64 16.06 1.64
N PRO A 109 21.68 17.37 1.95
CA PRO A 109 22.32 18.35 1.05
C PRO A 109 23.77 18.00 0.72
N ASN A 110 24.45 17.31 1.65
CA ASN A 110 25.82 16.88 1.41
C ASN A 110 25.89 15.37 1.12
N LEU A 111 24.75 14.79 0.80
CA LEU A 111 24.69 13.37 0.47
C LEU A 111 23.68 13.12 -0.66
N LEU A 112 24.10 13.44 -1.88
CA LEU A 112 23.26 13.29 -3.06
C LEU A 112 23.73 12.11 -3.89
N LEU A 113 22.91 11.06 -3.94
CA LEU A 113 23.32 9.80 -4.55
C LEU A 113 22.46 9.43 -5.76
N ASP A 114 23.08 8.77 -6.74
CA ASP A 114 22.35 8.18 -7.85
C ASP A 114 22.22 6.68 -7.65
N ARG A 115 21.55 5.99 -8.57
CA ARG A 115 21.27 4.56 -8.41
C ARG A 115 22.53 3.71 -8.34
N ASN A 116 23.62 4.23 -8.91
CA ASN A 116 24.87 3.48 -8.97
C ASN A 116 25.53 3.31 -7.61
N GLN A 117 25.28 4.25 -6.71
CA GLN A 117 25.83 4.18 -5.36
C GLN A 117 25.12 3.11 -4.53
N GLY A 118 23.91 2.74 -4.93
CA GLY A 118 23.14 1.75 -4.21
C GLY A 118 23.43 0.33 -4.64
N LYS A 119 24.58 0.13 -5.27
CA LYS A 119 24.96 -1.19 -5.78
C LYS A 119 25.79 -1.99 -4.78
N CYS A 120 26.63 -1.30 -4.02
CA CYS A 120 27.60 -1.95 -3.14
C CYS A 120 27.03 -2.34 -1.78
N VAL A 121 25.77 -2.75 -1.76
CA VAL A 121 25.07 -3.02 -0.51
C VAL A 121 24.05 -4.15 -0.70
N GLU A 122 23.69 -4.39 -1.95
CA GLU A 122 22.78 -5.48 -2.36
C GLU A 122 21.35 -5.25 -1.89
N GLY A 123 20.42 -5.26 -2.84
CA GLY A 123 19.00 -5.12 -2.55
C GLY A 123 18.55 -3.68 -2.45
N MET A 124 19.49 -2.75 -2.55
CA MET A 124 19.18 -1.34 -2.41
C MET A 124 19.01 -0.63 -3.75
N VAL A 125 19.68 -1.13 -4.79
CA VAL A 125 19.62 -0.50 -6.09
C VAL A 125 18.22 -0.64 -6.69
N GLU A 126 17.52 -1.70 -6.30
CA GLU A 126 16.13 -1.90 -6.72
C GLU A 126 15.23 -0.91 -5.97
N ILE A 127 15.53 -0.69 -4.69
CA ILE A 127 14.80 0.27 -3.88
C ILE A 127 15.10 1.70 -4.34
N PHE A 128 16.34 1.94 -4.75
CA PHE A 128 16.73 3.23 -5.31
C PHE A 128 15.90 3.56 -6.55
N ASP A 129 15.79 2.59 -7.46
CA ASP A 129 15.02 2.78 -8.69
C ASP A 129 13.56 3.13 -8.40
N MET A 130 12.99 2.49 -7.38
CA MET A 130 11.60 2.73 -7.02
C MET A 130 11.44 4.11 -6.38
N LEU A 131 12.41 4.50 -5.56
CA LEU A 131 12.40 5.81 -4.93
C LEU A 131 12.54 6.92 -5.97
N LEU A 132 13.40 6.69 -6.96
CA LEU A 132 13.60 7.63 -8.05
C LEU A 132 12.33 7.76 -8.90
N ALA A 133 11.70 6.64 -9.20
CA ALA A 133 10.47 6.64 -9.97
C ALA A 133 9.35 7.35 -9.21
N THR A 134 9.30 7.15 -7.91
CA THR A 134 8.30 7.80 -7.06
C THR A 134 8.54 9.31 -7.03
N SER A 135 9.80 9.69 -6.94
CA SER A 135 10.18 11.10 -6.96
C SER A 135 9.79 11.74 -8.29
N SER A 136 9.96 10.99 -9.37
CA SER A 136 9.60 11.47 -10.69
C SER A 136 8.10 11.70 -10.82
N ARG A 137 7.31 10.80 -10.23
CA ARG A 137 5.85 10.93 -10.29
C ARG A 137 5.38 12.17 -9.55
N PHE A 138 5.92 12.41 -8.36
CA PHE A 138 5.61 13.62 -7.60
C PHE A 138 6.03 14.86 -8.38
N ARG A 139 7.12 14.74 -9.13
CA ARG A 139 7.63 15.84 -9.93
C ARG A 139 6.69 16.18 -11.08
N MET A 140 6.22 15.15 -11.79
CA MET A 140 5.31 15.33 -12.92
C MET A 140 3.94 15.84 -12.46
N MET A 141 3.56 15.48 -11.24
CA MET A 141 2.27 15.91 -10.69
C MET A 141 2.31 17.34 -10.15
N ASN A 142 3.51 17.92 -10.12
CA ASN A 142 3.73 19.24 -9.52
C ASN A 142 3.24 19.29 -8.07
N LEU A 143 3.64 18.28 -7.30
CA LEU A 143 3.26 18.17 -5.90
C LEU A 143 3.65 19.41 -5.10
N GLN A 144 2.70 19.94 -4.33
CA GLN A 144 2.94 21.13 -3.53
C GLN A 144 3.31 20.77 -2.09
N GLY A 145 4.06 21.65 -1.43
CA GLY A 145 4.46 21.44 -0.06
C GLY A 145 3.28 21.24 0.88
N GLU A 146 2.20 21.99 0.63
CA GLU A 146 0.99 21.87 1.42
C GLU A 146 0.37 20.49 1.28
N GLU A 147 0.44 19.93 0.06
CA GLU A 147 -0.06 18.59 -0.21
C GLU A 147 0.85 17.54 0.42
N PHE A 148 2.15 17.80 0.38
CA PHE A 148 3.14 16.90 0.96
C PHE A 148 2.93 16.66 2.45
N VAL A 149 2.70 17.73 3.20
CA VAL A 149 2.55 17.58 4.65
C VAL A 149 1.23 16.88 5.00
N CYS A 150 0.23 16.99 4.13
CA CYS A 150 -1.02 16.28 4.31
C CYS A 150 -0.82 14.77 4.08
N LEU A 151 -0.12 14.41 3.01
CA LEU A 151 0.14 13.02 2.70
C LEU A 151 0.96 12.33 3.78
N LYS A 152 1.96 13.03 4.28
CA LYS A 152 2.85 12.49 5.30
C LYS A 152 2.07 12.20 6.59
N SER A 153 1.15 13.09 6.92
CA SER A 153 0.30 12.91 8.09
C SER A 153 -0.67 11.76 7.88
N ILE A 154 -1.14 11.60 6.65
CA ILE A 154 -2.03 10.49 6.29
C ILE A 154 -1.29 9.16 6.45
N ILE A 155 -0.06 9.10 5.93
CA ILE A 155 0.79 7.93 6.07
C ILE A 155 0.92 7.50 7.53
N LEU A 156 1.17 8.47 8.40
CA LEU A 156 1.30 8.22 9.84
C LEU A 156 0.03 7.62 10.43
N LEU A 157 -1.11 8.19 10.07
CA LEU A 157 -2.39 7.79 10.66
C LEU A 157 -2.98 6.53 10.02
N ASN A 158 -2.48 6.18 8.84
CA ASN A 158 -2.98 5.02 8.11
C ASN A 158 -2.04 3.82 8.22
N SER A 159 -0.88 4.04 8.82
CA SER A 159 0.14 2.99 8.93
C SER A 159 -0.40 1.73 9.58
N GLY A 160 -1.27 1.90 10.57
CA GLY A 160 -1.92 0.78 11.22
C GLY A 160 -2.87 0.08 10.28
N VAL A 161 -2.42 -1.05 9.75
CA VAL A 161 -3.30 -1.94 9.02
C VAL A 161 -4.01 -2.81 10.03
N TYR A 162 -4.06 -2.29 11.26
CA TYR A 162 -4.34 -3.05 12.46
C TYR A 162 -5.53 -2.43 13.18
N ASP A 176 -12.52 5.26 15.88
CA ASP A 176 -13.27 6.14 15.00
C ASP A 176 -12.59 7.50 14.90
N HIS A 177 -11.81 7.85 15.92
CA HIS A 177 -11.10 9.13 15.95
C HIS A 177 -10.11 9.28 14.79
N ILE A 178 -9.28 8.25 14.59
CA ILE A 178 -8.30 8.26 13.52
C ILE A 178 -8.98 8.42 12.16
N HIS A 179 -10.10 7.72 11.99
CA HIS A 179 -10.90 7.83 10.78
C HIS A 179 -11.42 9.26 10.60
N ARG A 180 -11.78 9.90 11.71
CA ARG A 180 -12.27 11.27 11.67
C ARG A 180 -11.18 12.25 11.27
N VAL A 181 -9.98 12.06 11.82
CA VAL A 181 -8.86 12.92 11.48
C VAL A 181 -8.44 12.68 10.04
N LEU A 182 -8.50 11.42 9.61
CA LEU A 182 -8.20 11.09 8.21
C LEU A 182 -9.17 11.77 7.25
N ASP A 183 -10.44 11.84 7.63
CA ASP A 183 -11.43 12.56 6.82
C ASP A 183 -11.10 14.05 6.79
N LYS A 184 -10.65 14.57 7.93
CA LYS A 184 -10.29 15.98 8.06
C LYS A 184 -9.14 16.36 7.13
N ILE A 185 -8.12 15.51 7.07
CA ILE A 185 -6.98 15.75 6.20
C ILE A 185 -7.39 15.58 4.73
N THR A 186 -8.33 14.68 4.50
CA THR A 186 -8.88 14.49 3.15
C THR A 186 -9.57 15.77 2.68
N ASP A 187 -10.44 16.33 3.52
CA ASP A 187 -11.11 17.59 3.21
C ASP A 187 -10.08 18.70 3.00
N THR A 188 -9.02 18.66 3.79
CA THR A 188 -7.97 19.67 3.71
C THR A 188 -7.24 19.59 2.37
N LEU A 189 -6.96 18.37 1.92
CA LEU A 189 -6.37 18.15 0.60
C LEU A 189 -7.27 18.68 -0.51
N ILE A 190 -8.56 18.38 -0.41
CA ILE A 190 -9.54 18.84 -1.38
C ILE A 190 -9.62 20.37 -1.35
N HIS A 191 -9.54 20.94 -0.16
CA HIS A 191 -9.54 22.40 0.01
C HIS A 191 -8.37 23.05 -0.71
N LEU A 192 -7.19 22.48 -0.53
CA LEU A 192 -5.98 22.97 -1.18
C LEU A 192 -6.10 22.95 -2.70
N MET A 193 -6.64 21.86 -3.23
CA MET A 193 -6.82 21.72 -4.67
C MET A 193 -7.85 22.69 -5.21
N ALA A 194 -8.93 22.89 -4.46
CA ALA A 194 -9.96 23.84 -4.85
C ALA A 194 -9.40 25.27 -4.88
N LYS A 195 -8.58 25.59 -3.88
CA LYS A 195 -7.94 26.89 -3.80
C LYS A 195 -6.99 27.12 -4.98
N ALA A 196 -6.41 26.02 -5.48
CA ALA A 196 -5.45 26.11 -6.56
C ALA A 196 -6.12 26.33 -7.91
N GLY A 197 -7.45 26.24 -7.94
CA GLY A 197 -8.20 26.46 -9.16
C GLY A 197 -8.58 25.19 -9.89
N LEU A 198 -8.36 24.05 -9.25
CA LEU A 198 -8.71 22.76 -9.85
C LEU A 198 -10.21 22.52 -9.76
N THR A 199 -10.78 21.97 -10.84
CA THR A 199 -12.21 21.66 -10.85
C THR A 199 -12.49 20.44 -9.98
N LEU A 200 -13.77 20.20 -9.69
CA LEU A 200 -14.17 19.06 -8.87
C LEU A 200 -13.69 17.74 -9.47
N GLN A 201 -13.77 17.63 -10.80
CA GLN A 201 -13.30 16.45 -11.50
C GLN A 201 -11.79 16.27 -11.33
N GLN A 202 -11.06 17.37 -11.51
CA GLN A 202 -9.61 17.36 -11.32
C GLN A 202 -9.24 17.09 -9.87
N GLN A 203 -10.13 17.45 -8.95
CA GLN A 203 -9.88 17.26 -7.53
C GLN A 203 -9.85 15.78 -7.14
N HIS A 204 -10.90 15.05 -7.53
N HIS A 204 -10.86 15.02 -7.54
CA HIS A 204 -11.01 13.63 -7.24
CA HIS A 204 -10.92 13.61 -7.13
C HIS A 204 -9.83 12.88 -7.84
C HIS A 204 -9.93 12.75 -7.90
N GLN A 205 -9.56 13.17 -9.12
CA GLN A 205 -8.53 12.47 -9.88
C GLN A 205 -7.14 12.67 -9.27
N ARG A 206 -6.82 13.91 -8.92
CA ARG A 206 -5.54 14.22 -8.30
C ARG A 206 -5.42 13.56 -6.91
N LEU A 207 -6.50 13.64 -6.14
CA LEU A 207 -6.57 12.99 -4.84
C LEU A 207 -6.30 11.50 -4.97
N ALA A 208 -6.93 10.88 -5.96
CA ALA A 208 -6.78 9.45 -6.19
C ALA A 208 -5.34 9.09 -6.52
N GLN A 209 -4.74 9.84 -7.43
CA GLN A 209 -3.36 9.58 -7.85
C GLN A 209 -2.38 9.69 -6.68
N LEU A 210 -2.53 10.72 -5.87
CA LEU A 210 -1.67 10.91 -4.70
C LEU A 210 -1.79 9.74 -3.72
N LEU A 211 -3.02 9.33 -3.44
CA LEU A 211 -3.26 8.23 -2.51
C LEU A 211 -2.77 6.90 -3.07
N LEU A 212 -2.79 6.75 -4.39
CA LEU A 212 -2.29 5.54 -5.03
C LEU A 212 -0.76 5.45 -4.93
N ILE A 213 -0.11 6.61 -4.91
CA ILE A 213 1.33 6.67 -4.74
C ILE A 213 1.71 6.20 -3.32
N LEU A 214 0.82 6.43 -2.37
CA LEU A 214 1.03 5.97 -1.00
C LEU A 214 1.10 4.44 -0.94
N SER A 215 0.45 3.77 -1.88
CA SER A 215 0.55 2.32 -1.97
C SER A 215 1.96 1.92 -2.41
N HIS A 216 2.55 2.73 -3.27
CA HIS A 216 3.92 2.48 -3.74
C HIS A 216 4.92 2.73 -2.63
N ILE A 217 4.65 3.74 -1.80
CA ILE A 217 5.50 4.06 -0.66
C ILE A 217 5.43 2.95 0.39
N ARG A 218 4.24 2.42 0.62
CA ARG A 218 4.06 1.28 1.51
C ARG A 218 4.90 0.10 1.01
N HIS A 219 4.81 -0.15 -0.28
CA HIS A 219 5.56 -1.23 -0.91
C HIS A 219 7.06 -1.07 -0.73
N MET A 220 7.57 0.14 -0.98
CA MET A 220 9.00 0.41 -0.88
C MET A 220 9.48 0.25 0.56
N SER A 221 8.64 0.65 1.50
CA SER A 221 8.96 0.54 2.93
C SER A 221 9.05 -0.93 3.35
N ASN A 222 8.15 -1.76 2.84
CA ASN A 222 8.18 -3.18 3.15
C ASN A 222 9.45 -3.83 2.64
N LYS A 223 9.86 -3.47 1.43
CA LYS A 223 11.08 -4.00 0.85
C LYS A 223 12.30 -3.47 1.60
N GLY A 224 12.28 -2.18 1.93
CA GLY A 224 13.35 -1.56 2.69
C GLY A 224 13.52 -2.23 4.04
N MET A 225 12.40 -2.52 4.69
CA MET A 225 12.38 -3.21 5.97
C MET A 225 13.01 -4.59 5.86
N GLU A 226 12.71 -5.28 4.77
CA GLU A 226 13.30 -6.59 4.50
C GLU A 226 14.82 -6.49 4.36
N HIS A 227 15.26 -5.49 3.58
CA HIS A 227 16.68 -5.26 3.35
C HIS A 227 17.42 -4.96 4.66
N LEU A 228 16.84 -4.08 5.46
CA LEU A 228 17.44 -3.69 6.74
C LEU A 228 17.59 -4.88 7.69
N TYR A 229 16.55 -5.71 7.76
CA TYR A 229 16.58 -6.85 8.67
C TYR A 229 17.60 -7.89 8.22
N SER A 230 17.69 -8.11 6.92
CA SER A 230 18.66 -9.07 6.37
C SER A 230 20.09 -8.60 6.61
N MET A 231 20.31 -7.30 6.49
CA MET A 231 21.62 -6.72 6.74
C MET A 231 21.99 -6.79 8.21
N LYS A 232 20.97 -6.69 9.07
CA LYS A 232 21.20 -6.83 10.50
C LYS A 232 21.56 -8.28 10.83
N CYS A 233 20.85 -9.21 10.21
CA CYS A 233 21.10 -10.64 10.41
C CYS A 233 22.49 -11.04 9.94
N LYS A 234 22.90 -10.47 8.80
CA LYS A 234 24.22 -10.77 8.24
C LYS A 234 25.31 -10.03 9.01
N ASN A 235 24.91 -9.20 9.95
CA ASN A 235 25.83 -8.42 10.78
C ASN A 235 26.80 -7.58 9.97
N VAL A 236 26.31 -6.98 8.88
CA VAL A 236 27.16 -6.16 8.03
C VAL A 236 27.02 -4.68 8.35
N VAL A 237 25.90 -4.31 8.97
CA VAL A 237 25.67 -2.93 9.35
C VAL A 237 25.27 -2.81 10.82
N PRO A 238 25.80 -1.79 11.52
CA PRO A 238 25.47 -1.55 12.92
C PRO A 238 24.36 -0.52 13.09
N LEU A 239 23.12 -0.99 13.14
CA LEU A 239 21.98 -0.11 13.34
C LEU A 239 21.94 0.40 14.78
N SER A 240 21.49 1.63 14.96
CA SER A 240 21.39 2.23 16.28
C SER A 240 20.35 1.54 17.15
N ASP A 241 20.39 1.81 18.44
CA ASP A 241 19.45 1.23 19.40
C ASP A 241 18.00 1.49 19.01
N LEU A 242 17.70 2.73 18.64
CA LEU A 242 16.35 3.10 18.25
C LEU A 242 15.92 2.37 16.98
N LEU A 243 16.79 2.36 15.98
CA LEU A 243 16.52 1.65 14.74
C LEU A 243 16.33 0.15 14.98
N LEU A 244 17.11 -0.40 15.89
CA LEU A 244 16.99 -1.81 16.25
C LEU A 244 15.61 -2.11 16.84
N GLU A 245 15.14 -1.23 17.71
CA GLU A 245 13.83 -1.39 18.34
C GLU A 245 12.70 -1.21 17.32
N MET A 246 12.81 -0.17 16.50
CA MET A 246 11.83 0.10 15.45
C MET A 246 11.73 -1.06 14.48
N LEU A 247 12.87 -1.58 14.06
CA LEU A 247 12.93 -2.69 13.12
C LEU A 247 12.41 -3.97 13.75
N ASP A 248 12.64 -4.13 15.05
CA ASP A 248 12.22 -5.32 15.76
C ASP A 248 10.70 -5.35 15.95
N ALA A 249 10.04 -4.24 15.64
CA ALA A 249 8.59 -4.18 15.70
C ALA A 249 7.98 -4.90 14.49
N HIS A 250 8.75 -4.95 13.41
CA HIS A 250 8.33 -5.63 12.19
C HIS A 250 8.85 -7.05 12.14
N LEU B 9 -9.66 3.49 -26.43
CA LEU B 9 -10.89 2.72 -26.58
C LEU B 9 -11.57 2.51 -25.22
N ALA B 10 -10.77 2.42 -24.17
CA ALA B 10 -11.29 2.30 -22.81
C ALA B 10 -11.61 3.68 -22.25
N LEU B 11 -11.12 4.70 -22.93
CA LEU B 11 -11.34 6.09 -22.51
C LEU B 11 -12.64 6.63 -23.09
N SER B 12 -13.34 5.80 -23.86
CA SER B 12 -14.58 6.22 -24.50
C SER B 12 -15.80 5.55 -23.87
N LEU B 13 -15.60 4.93 -22.71
CA LEU B 13 -16.69 4.32 -21.97
C LEU B 13 -17.33 5.34 -21.04
N THR B 14 -18.59 5.09 -20.68
CA THR B 14 -19.22 5.89 -19.64
C THR B 14 -18.94 5.22 -18.30
N ALA B 15 -19.33 5.88 -17.21
CA ALA B 15 -19.15 5.29 -15.89
C ALA B 15 -19.97 4.01 -15.76
N ASP B 16 -21.18 4.04 -16.30
CA ASP B 16 -22.05 2.87 -16.30
C ASP B 16 -21.50 1.76 -17.20
N GLN B 17 -20.87 2.16 -18.30
CA GLN B 17 -20.26 1.20 -19.21
C GLN B 17 -18.99 0.60 -18.62
N MET B 18 -18.28 1.39 -17.82
CA MET B 18 -17.09 0.92 -17.13
C MET B 18 -17.47 -0.13 -16.08
N VAL B 19 -18.46 0.21 -15.24
CA VAL B 19 -18.98 -0.71 -14.25
C VAL B 19 -19.46 -2.00 -14.91
N SER B 20 -20.25 -1.84 -15.97
CA SER B 20 -20.79 -2.97 -16.71
C SER B 20 -19.69 -3.90 -17.24
N ALA B 21 -18.65 -3.30 -17.80
CA ALA B 21 -17.52 -4.07 -18.31
C ALA B 21 -16.82 -4.83 -17.19
N LEU B 22 -16.61 -4.16 -16.07
CA LEU B 22 -15.91 -4.75 -14.93
C LEU B 22 -16.69 -5.87 -14.28
N LEU B 23 -18.01 -5.70 -14.19
CA LEU B 23 -18.88 -6.74 -13.63
C LEU B 23 -18.85 -8.00 -14.50
N ASP B 24 -18.86 -7.78 -15.81
CA ASP B 24 -18.81 -8.89 -16.77
C ASP B 24 -17.46 -9.61 -16.69
N ALA B 25 -16.43 -8.87 -16.32
CA ALA B 25 -15.08 -9.42 -16.26
C ALA B 25 -14.86 -10.32 -15.05
N GLU B 26 -15.77 -10.25 -14.08
CA GLU B 26 -15.61 -10.95 -12.81
C GLU B 26 -15.43 -12.45 -12.93
N PRO B 27 -14.34 -12.97 -12.34
CA PRO B 27 -14.09 -14.41 -12.25
C PRO B 27 -15.05 -15.06 -11.26
N PRO B 28 -15.25 -16.38 -11.38
CA PRO B 28 -16.17 -17.08 -10.47
C PRO B 28 -15.54 -17.42 -9.14
N ILE B 29 -16.37 -17.62 -8.12
CA ILE B 29 -15.91 -18.14 -6.85
C ILE B 29 -15.64 -19.63 -7.00
N LEU B 30 -14.41 -20.04 -6.75
CA LEU B 30 -14.01 -21.43 -6.92
C LEU B 30 -14.17 -22.22 -5.62
N TYR B 31 -14.17 -23.54 -5.76
CA TYR B 31 -14.23 -24.42 -4.60
C TYR B 31 -12.87 -25.07 -4.35
N SER B 32 -12.62 -25.44 -3.10
CA SER B 32 -11.44 -26.21 -2.76
C SER B 32 -11.74 -27.70 -2.92
N GLU B 33 -10.71 -28.52 -2.91
CA GLU B 33 -10.89 -29.97 -2.99
C GLU B 33 -10.89 -30.58 -1.59
N TYR B 34 -11.59 -29.94 -0.67
CA TYR B 34 -11.71 -30.41 0.70
C TYR B 34 -12.84 -31.43 0.83
N ASP B 35 -12.54 -32.55 1.48
CA ASP B 35 -13.51 -33.63 1.65
C ASP B 35 -14.20 -33.53 3.02
N PRO B 36 -15.50 -33.19 3.03
CA PRO B 36 -16.26 -32.99 4.26
C PRO B 36 -16.64 -34.30 4.96
N THR B 37 -16.66 -35.41 4.23
CA THR B 37 -17.03 -36.69 4.82
C THR B 37 -15.85 -37.34 5.53
N ARG B 38 -14.66 -36.78 5.34
CA ARG B 38 -13.45 -37.32 5.95
C ARG B 38 -12.79 -36.30 6.87
N PRO B 39 -12.16 -36.77 7.96
CA PRO B 39 -11.46 -35.89 8.89
C PRO B 39 -10.35 -35.10 8.21
N PHE B 40 -10.31 -33.80 8.44
CA PHE B 40 -9.33 -32.93 7.80
C PHE B 40 -8.10 -32.73 8.67
N SER B 41 -6.94 -33.12 8.14
CA SER B 41 -5.68 -32.90 8.85
C SER B 41 -5.24 -31.45 8.68
N GLU B 42 -4.82 -30.85 9.78
CA GLU B 42 -4.44 -29.43 9.80
C GLU B 42 -3.20 -29.17 8.95
N ALA B 43 -2.35 -30.18 8.83
CA ALA B 43 -1.08 -30.05 8.12
C ALA B 43 -1.26 -30.02 6.61
N SER B 44 -2.49 -30.23 6.14
CA SER B 44 -2.76 -30.21 4.71
C SER B 44 -3.44 -28.91 4.28
N MET B 45 -3.51 -27.94 5.18
CA MET B 45 -4.20 -26.69 4.91
C MET B 45 -3.51 -25.87 3.81
N MET B 46 -2.19 -25.79 3.88
CA MET B 46 -1.41 -25.07 2.87
C MET B 46 -1.53 -25.72 1.50
N GLY B 47 -1.77 -27.04 1.49
CA GLY B 47 -1.96 -27.77 0.25
C GLY B 47 -3.24 -27.35 -0.44
N LEU B 48 -4.28 -27.12 0.35
CA LEU B 48 -5.57 -26.69 -0.19
C LEU B 48 -5.52 -25.25 -0.70
N LEU B 49 -4.80 -24.40 0.02
CA LEU B 49 -4.69 -22.99 -0.36
C LEU B 49 -3.86 -22.84 -1.62
N THR B 50 -2.76 -23.58 -1.70
CA THR B 50 -1.89 -23.56 -2.88
C THR B 50 -2.64 -24.04 -4.12
N ASN B 51 -3.35 -25.15 -3.98
CA ASN B 51 -4.16 -25.69 -5.06
C ASN B 51 -5.25 -24.73 -5.50
N LEU B 52 -5.88 -24.08 -4.52
CA LEU B 52 -6.93 -23.09 -4.79
C LEU B 52 -6.38 -21.87 -5.50
N ALA B 53 -5.30 -21.31 -4.97
CA ALA B 53 -4.70 -20.11 -5.53
C ALA B 53 -4.26 -20.32 -6.96
N ASP B 54 -3.67 -21.48 -7.22
CA ASP B 54 -3.19 -21.82 -8.55
C ASP B 54 -4.31 -21.83 -9.59
N ARG B 55 -5.49 -22.28 -9.17
CA ARG B 55 -6.62 -22.33 -10.08
C ARG B 55 -7.26 -20.95 -10.24
N GLU B 56 -7.24 -20.16 -9.16
CA GLU B 56 -7.72 -18.78 -9.21
C GLU B 56 -6.93 -17.93 -10.19
N LEU B 57 -5.64 -18.20 -10.31
CA LEU B 57 -4.75 -17.39 -11.15
C LEU B 57 -5.17 -17.39 -12.62
N VAL B 58 -5.63 -18.53 -13.12
CA VAL B 58 -6.05 -18.63 -14.51
C VAL B 58 -7.26 -17.75 -14.76
N HIS B 59 -8.22 -17.79 -13.84
CA HIS B 59 -9.41 -16.97 -13.93
C HIS B 59 -9.07 -15.49 -13.78
N MET B 60 -8.06 -15.20 -12.96
CA MET B 60 -7.62 -13.83 -12.75
C MET B 60 -6.99 -13.25 -14.02
N ILE B 61 -6.18 -14.07 -14.69
CA ILE B 61 -5.51 -13.67 -15.92
C ILE B 61 -6.50 -13.28 -17.00
N ASN B 62 -7.55 -14.09 -17.16
CA ASN B 62 -8.58 -13.81 -18.15
C ASN B 62 -9.47 -12.65 -17.71
N TRP B 63 -9.54 -12.41 -16.41
CA TRP B 63 -10.25 -11.25 -15.88
C TRP B 63 -9.50 -9.97 -16.23
N ALA B 64 -8.18 -10.03 -16.15
CA ALA B 64 -7.33 -8.88 -16.45
C ALA B 64 -7.50 -8.44 -17.90
N LYS B 65 -7.58 -9.42 -18.80
CA LYS B 65 -7.76 -9.13 -20.23
C LYS B 65 -9.08 -8.41 -20.49
N ARG B 66 -10.05 -8.61 -19.60
CA ARG B 66 -11.36 -8.02 -19.76
C ARG B 66 -11.49 -6.72 -18.95
N VAL B 67 -10.39 -6.30 -18.34
CA VAL B 67 -10.33 -4.98 -17.73
C VAL B 67 -9.98 -3.96 -18.81
N PRO B 68 -10.90 -3.01 -19.06
CA PRO B 68 -10.71 -1.97 -20.08
C PRO B 68 -9.38 -1.25 -19.96
N GLY B 69 -8.61 -1.25 -21.05
CA GLY B 69 -7.32 -0.58 -21.07
C GLY B 69 -6.13 -1.51 -20.89
N PHE B 70 -6.38 -2.70 -20.35
CA PHE B 70 -5.30 -3.64 -20.04
C PHE B 70 -4.68 -4.25 -21.30
N VAL B 71 -5.53 -4.70 -22.22
CA VAL B 71 -5.06 -5.33 -23.46
C VAL B 71 -4.35 -4.30 -24.35
N ASP B 72 -4.68 -3.03 -24.18
CA ASP B 72 -4.03 -1.95 -24.91
C ASP B 72 -2.54 -1.87 -24.59
N LEU B 73 -2.15 -2.40 -23.43
CA LEU B 73 -0.76 -2.46 -23.03
C LEU B 73 -0.03 -3.56 -23.78
N THR B 74 1.30 -3.43 -23.89
CA THR B 74 2.12 -4.47 -24.50
C THR B 74 2.11 -5.73 -23.63
N LEU B 75 2.52 -6.85 -24.23
CA LEU B 75 2.54 -8.13 -23.52
C LEU B 75 3.46 -8.07 -22.30
N HIS B 76 4.56 -7.34 -22.43
CA HIS B 76 5.53 -7.19 -21.35
C HIS B 76 4.92 -6.54 -20.11
N ASP B 77 4.22 -5.43 -20.31
CA ASP B 77 3.61 -4.70 -19.20
C ASP B 77 2.43 -5.45 -18.59
N GLN B 78 1.74 -6.23 -19.41
CA GLN B 78 0.66 -7.07 -18.91
C GLN B 78 1.21 -8.11 -17.94
N VAL B 79 2.39 -8.63 -18.27
CA VAL B 79 3.08 -9.60 -17.44
C VAL B 79 3.56 -8.97 -16.14
N HIS B 80 4.22 -7.82 -16.25
CA HIS B 80 4.77 -7.14 -15.08
C HIS B 80 3.67 -6.75 -14.09
N LEU B 81 2.55 -6.26 -14.61
CA LEU B 81 1.42 -5.87 -13.77
C LEU B 81 0.83 -7.07 -13.04
N LEU B 82 0.65 -8.17 -13.76
CA LEU B 82 0.10 -9.38 -13.16
C LEU B 82 1.05 -10.00 -12.16
N GLU B 83 2.35 -9.94 -12.46
CA GLU B 83 3.36 -10.46 -11.55
C GLU B 83 3.42 -9.68 -10.24
N CYS B 84 3.21 -8.36 -10.34
CA CYS B 84 3.27 -7.50 -9.16
C CYS B 84 1.99 -7.55 -8.32
N ALA B 85 0.84 -7.73 -8.98
CA ALA B 85 -0.45 -7.54 -8.32
C ALA B 85 -1.16 -8.82 -7.87
N TRP B 86 -0.70 -9.98 -8.32
CA TRP B 86 -1.48 -11.21 -8.20
C TRP B 86 -1.92 -11.55 -6.77
N LEU B 87 -1.02 -11.39 -5.80
CA LEU B 87 -1.38 -11.69 -4.41
C LEU B 87 -2.32 -10.62 -3.84
N GLU B 88 -2.09 -9.36 -4.22
CA GLU B 88 -3.00 -8.28 -3.85
C GLU B 88 -4.43 -8.56 -4.32
N ILE B 89 -4.54 -8.99 -5.57
CA ILE B 89 -5.83 -9.27 -6.19
C ILE B 89 -6.50 -10.46 -5.51
N LEU B 90 -5.72 -11.50 -5.22
CA LEU B 90 -6.24 -12.66 -4.50
C LEU B 90 -6.73 -12.24 -3.11
N MET B 91 -6.05 -11.30 -2.49
CA MET B 91 -6.37 -10.87 -1.14
C MET B 91 -7.62 -10.00 -1.07
N ILE B 92 -7.79 -9.07 -2.01
CA ILE B 92 -8.96 -8.22 -1.99
C ILE B 92 -10.21 -9.05 -2.32
N GLY B 93 -10.03 -10.09 -3.13
CA GLY B 93 -11.09 -11.02 -3.42
C GLY B 93 -11.47 -11.79 -2.17
N LEU B 94 -10.46 -12.31 -1.47
CA LEU B 94 -10.65 -13.02 -0.21
C LEU B 94 -11.34 -12.14 0.83
N VAL B 95 -10.86 -10.92 0.95
CA VAL B 95 -11.42 -9.96 1.89
C VAL B 95 -12.89 -9.66 1.57
N TRP B 96 -13.19 -9.50 0.29
CA TRP B 96 -14.56 -9.26 -0.16
C TRP B 96 -15.50 -10.42 0.18
N ARG B 97 -15.04 -11.65 -0.04
CA ARG B 97 -15.85 -12.84 0.21
C ARG B 97 -16.10 -13.07 1.70
N SER B 98 -15.19 -12.59 2.55
CA SER B 98 -15.24 -12.86 3.97
C SER B 98 -16.07 -11.85 4.76
N MET B 99 -16.71 -10.92 4.06
CA MET B 99 -17.48 -9.87 4.70
C MET B 99 -18.65 -10.40 5.53
N GLU B 100 -19.48 -11.25 4.92
CA GLU B 100 -20.66 -11.77 5.58
C GLU B 100 -20.32 -12.93 6.52
N HIS B 101 -19.04 -13.21 6.66
CA HIS B 101 -18.58 -14.23 7.62
C HIS B 101 -17.58 -13.63 8.60
N PRO B 102 -18.09 -12.92 9.62
CA PRO B 102 -17.26 -12.25 10.62
C PRO B 102 -16.37 -13.21 11.39
N GLY B 103 -15.12 -12.83 11.59
CA GLY B 103 -14.19 -13.62 12.38
C GLY B 103 -13.47 -14.71 11.60
N LYS B 104 -13.89 -14.95 10.36
CA LYS B 104 -13.29 -16.01 9.56
C LYS B 104 -12.97 -15.56 8.14
N LEU B 105 -12.09 -16.30 7.47
CA LEU B 105 -11.70 -16.01 6.09
C LEU B 105 -12.26 -17.05 5.13
N LEU B 106 -13.10 -16.59 4.21
CA LEU B 106 -13.72 -17.48 3.24
C LEU B 106 -12.88 -17.61 1.97
N PHE B 107 -11.88 -18.49 2.01
CA PHE B 107 -11.07 -18.77 0.83
C PHE B 107 -11.94 -19.42 -0.25
N ALA B 108 -12.83 -20.29 0.21
CA ALA B 108 -13.81 -20.93 -0.66
C ALA B 108 -15.09 -21.18 0.14
N PRO B 109 -16.22 -21.41 -0.54
CA PRO B 109 -17.45 -21.75 0.18
C PRO B 109 -17.26 -23.00 1.04
N ASN B 110 -16.38 -23.90 0.62
CA ASN B 110 -16.09 -25.10 1.39
C ASN B 110 -14.70 -25.04 2.03
N LEU B 111 -14.18 -23.84 2.24
CA LEU B 111 -12.90 -23.67 2.90
C LEU B 111 -12.91 -22.41 3.77
N LEU B 112 -13.31 -22.57 5.01
CA LEU B 112 -13.38 -21.46 5.96
C LEU B 112 -12.22 -21.57 6.96
N LEU B 113 -11.49 -20.47 7.12
CA LEU B 113 -10.34 -20.46 8.03
C LEU B 113 -10.62 -19.59 9.24
N ASP B 114 -10.48 -20.15 10.44
CA ASP B 114 -10.67 -19.40 11.67
C ASP B 114 -9.33 -19.09 12.31
N ARG B 115 -9.33 -18.15 13.26
CA ARG B 115 -8.09 -17.62 13.82
C ARG B 115 -7.20 -18.68 14.47
N ASN B 116 -7.82 -19.63 15.17
CA ASN B 116 -7.07 -20.68 15.84
C ASN B 116 -6.37 -21.61 14.86
N GLN B 117 -6.93 -21.74 13.66
CA GLN B 117 -6.29 -22.51 12.60
C GLN B 117 -5.02 -21.83 12.13
N GLY B 118 -5.02 -20.51 12.14
CA GLY B 118 -3.86 -19.74 11.75
C GLY B 118 -2.69 -19.97 12.69
N LYS B 119 -3.01 -20.41 13.91
CA LYS B 119 -2.00 -20.70 14.92
C LYS B 119 -1.35 -22.07 14.69
N CYS B 120 -1.75 -22.74 13.61
CA CYS B 120 -1.14 -24.01 13.23
C CYS B 120 -0.08 -23.79 12.16
N VAL B 121 -0.07 -22.59 11.58
CA VAL B 121 0.90 -22.22 10.55
C VAL B 121 1.04 -20.71 10.45
N MET B 124 1.15 -17.53 10.49
CA MET B 124 0.14 -16.94 9.62
C MET B 124 -0.95 -16.24 10.43
N VAL B 125 -0.76 -16.17 11.75
CA VAL B 125 -1.72 -15.53 12.63
C VAL B 125 -1.78 -14.03 12.40
N GLU B 126 -0.61 -13.43 12.19
CA GLU B 126 -0.51 -11.99 11.96
C GLU B 126 -1.17 -11.59 10.64
N ILE B 127 -0.96 -12.42 9.61
CA ILE B 127 -1.57 -12.19 8.31
C ILE B 127 -3.09 -12.31 8.41
N PHE B 128 -3.53 -13.28 9.20
CA PHE B 128 -4.96 -13.54 9.39
C PHE B 128 -5.68 -12.34 9.98
N ASP B 129 -5.14 -11.80 11.06
CA ASP B 129 -5.75 -10.67 11.76
C ASP B 129 -5.85 -9.43 10.86
N MET B 130 -4.85 -9.21 10.04
CA MET B 130 -4.85 -8.07 9.14
C MET B 130 -5.88 -8.23 8.02
N LEU B 131 -6.05 -9.47 7.55
CA LEU B 131 -7.04 -9.77 6.52
C LEU B 131 -8.46 -9.58 7.06
N LEU B 132 -8.69 -10.01 8.30
CA LEU B 132 -9.98 -9.84 8.95
C LEU B 132 -10.30 -8.36 9.17
N ALA B 133 -9.32 -7.62 9.66
CA ALA B 133 -9.48 -6.19 9.92
C ALA B 133 -9.86 -5.45 8.65
N THR B 134 -9.22 -5.81 7.54
CA THR B 134 -9.53 -5.22 6.24
C THR B 134 -10.94 -5.60 5.81
N SER B 135 -11.31 -6.85 6.06
CA SER B 135 -12.63 -7.36 5.68
C SER B 135 -13.75 -6.67 6.46
N SER B 136 -13.60 -6.61 7.77
CA SER B 136 -14.61 -5.98 8.62
C SER B 136 -14.76 -4.51 8.28
N ARG B 137 -13.66 -3.88 7.87
CA ARG B 137 -13.68 -2.48 7.51
C ARG B 137 -14.49 -2.26 6.23
N PHE B 138 -14.39 -3.19 5.29
CA PHE B 138 -15.20 -3.14 4.08
C PHE B 138 -16.68 -3.30 4.43
N ARG B 139 -16.95 -4.15 5.42
CA ARG B 139 -18.31 -4.36 5.91
C ARG B 139 -18.81 -3.13 6.65
N MET B 140 -17.93 -2.49 7.41
CA MET B 140 -18.27 -1.27 8.13
C MET B 140 -18.62 -0.14 7.18
N MET B 141 -17.92 -0.10 6.04
CA MET B 141 -18.14 0.94 5.04
C MET B 141 -19.23 0.54 4.05
N ASN B 142 -19.77 -0.66 4.23
CA ASN B 142 -20.78 -1.21 3.33
C ASN B 142 -20.30 -1.17 1.88
N LEU B 143 -19.11 -1.75 1.64
CA LEU B 143 -18.52 -1.77 0.31
C LEU B 143 -19.44 -2.46 -0.69
N GLN B 144 -19.68 -1.80 -1.81
CA GLN B 144 -20.58 -2.31 -2.84
C GLN B 144 -19.80 -3.07 -3.92
N GLY B 145 -20.49 -4.01 -4.57
CA GLY B 145 -19.89 -4.83 -5.61
C GLY B 145 -19.33 -4.01 -6.76
N GLU B 146 -20.03 -2.92 -7.11
CA GLU B 146 -19.56 -2.03 -8.16
C GLU B 146 -18.28 -1.33 -7.74
N GLU B 147 -18.19 -0.98 -6.46
CA GLU B 147 -16.98 -0.35 -5.93
C GLU B 147 -15.83 -1.34 -5.89
N PHE B 148 -16.16 -2.58 -5.51
CA PHE B 148 -15.18 -3.65 -5.40
C PHE B 148 -14.43 -3.92 -6.70
N VAL B 149 -15.16 -4.04 -7.80
CA VAL B 149 -14.52 -4.36 -9.08
C VAL B 149 -13.66 -3.20 -9.56
N CYS B 150 -14.04 -1.97 -9.19
CA CYS B 150 -13.24 -0.79 -9.51
C CYS B 150 -11.92 -0.82 -8.77
N LEU B 151 -11.99 -1.05 -7.45
CA LEU B 151 -10.80 -1.12 -6.60
C LEU B 151 -9.83 -2.21 -7.06
N LYS B 152 -10.37 -3.36 -7.44
CA LYS B 152 -9.54 -4.49 -7.84
C LYS B 152 -8.82 -4.19 -9.15
N SER B 153 -9.51 -3.52 -10.07
CA SER B 153 -8.91 -3.10 -11.33
C SER B 153 -7.86 -2.04 -11.10
N ILE B 154 -8.07 -1.20 -10.09
CA ILE B 154 -7.10 -0.17 -9.74
C ILE B 154 -5.82 -0.81 -9.22
N ILE B 155 -5.97 -1.84 -8.37
CA ILE B 155 -4.84 -2.59 -7.84
C ILE B 155 -3.97 -3.15 -8.97
N LEU B 156 -4.61 -3.77 -9.96
CA LEU B 156 -3.92 -4.32 -11.11
C LEU B 156 -3.08 -3.26 -11.84
N LEU B 157 -3.68 -2.10 -12.06
CA LEU B 157 -3.04 -1.05 -12.85
C LEU B 157 -2.01 -0.24 -12.06
N ASN B 158 -2.09 -0.32 -10.74
CA ASN B 158 -1.21 0.47 -9.87
C ASN B 158 -0.12 -0.37 -9.19
N SER B 159 -0.01 -1.63 -9.59
CA SER B 159 0.95 -2.53 -8.96
C SER B 159 2.40 -2.22 -9.32
N GLY B 160 2.63 -1.86 -10.58
CA GLY B 160 3.97 -1.53 -11.04
C GLY B 160 4.47 -0.21 -10.46
N VAL B 161 5.59 -0.28 -9.75
CA VAL B 161 6.16 0.91 -9.12
C VAL B 161 7.01 1.71 -10.11
N TYR B 162 8.02 1.04 -10.70
CA TYR B 162 8.90 1.70 -11.64
C TYR B 162 8.25 1.84 -13.02
N GLU B 174 2.69 3.55 -22.75
CA GLU B 174 2.56 2.62 -21.64
C GLU B 174 2.31 3.36 -20.32
N LYS B 175 2.99 4.48 -20.15
CA LYS B 175 2.90 5.26 -18.92
C LYS B 175 1.58 6.02 -18.82
N ASP B 176 1.40 7.00 -19.70
CA ASP B 176 0.23 7.88 -19.64
C ASP B 176 -1.08 7.16 -19.84
N HIS B 177 -1.04 6.05 -20.58
CA HIS B 177 -2.24 5.25 -20.81
C HIS B 177 -2.81 4.71 -19.50
N ILE B 178 -1.95 4.14 -18.67
CA ILE B 178 -2.34 3.64 -17.36
C ILE B 178 -2.93 4.76 -16.52
N HIS B 179 -2.33 5.94 -16.61
N HIS B 179 -2.33 5.95 -16.59
CA HIS B 179 -2.78 7.11 -15.86
CA HIS B 179 -2.80 7.10 -15.84
C HIS B 179 -4.21 7.52 -16.26
C HIS B 179 -4.21 7.51 -16.26
N ARG B 180 -4.46 7.55 -17.56
CA ARG B 180 -5.77 7.95 -18.09
C ARG B 180 -6.86 6.94 -17.72
N VAL B 181 -6.50 5.67 -17.67
CA VAL B 181 -7.46 4.63 -17.30
C VAL B 181 -7.76 4.70 -15.81
N LEU B 182 -6.73 4.99 -15.01
CA LEU B 182 -6.90 5.16 -13.56
C LEU B 182 -7.83 6.32 -13.25
N ASP B 183 -7.65 7.44 -13.94
CA ASP B 183 -8.56 8.58 -13.79
C ASP B 183 -9.98 8.18 -14.17
N LYS B 184 -10.09 7.33 -15.18
CA LYS B 184 -11.38 6.86 -15.66
C LYS B 184 -12.12 6.06 -14.59
N ILE B 185 -11.38 5.18 -13.90
CA ILE B 185 -11.97 4.36 -12.84
C ILE B 185 -12.30 5.21 -11.62
N THR B 186 -11.50 6.24 -11.38
CA THR B 186 -11.77 7.18 -10.31
C THR B 186 -13.11 7.88 -10.53
N ASP B 187 -13.31 8.41 -11.74
CA ASP B 187 -14.57 9.05 -12.10
C ASP B 187 -15.73 8.09 -11.93
N THR B 188 -15.49 6.84 -12.30
CA THR B 188 -16.48 5.78 -12.17
C THR B 188 -16.89 5.57 -10.71
N LEU B 189 -15.89 5.45 -9.85
CA LEU B 189 -16.11 5.31 -8.41
C LEU B 189 -16.93 6.48 -7.84
N ILE B 190 -16.52 7.69 -8.20
CA ILE B 190 -17.21 8.90 -7.76
C ILE B 190 -18.65 8.90 -8.26
N HIS B 191 -18.84 8.49 -9.51
CA HIS B 191 -20.16 8.40 -10.11
C HIS B 191 -21.05 7.41 -9.35
N LEU B 192 -20.46 6.32 -8.88
CA LEU B 192 -21.19 5.32 -8.11
C LEU B 192 -21.63 5.89 -6.75
N MET B 193 -20.72 6.60 -6.10
CA MET B 193 -21.02 7.21 -4.80
C MET B 193 -22.05 8.31 -4.93
N ALA B 194 -21.97 9.07 -6.02
CA ALA B 194 -22.92 10.14 -6.28
C ALA B 194 -24.31 9.58 -6.58
N LYS B 195 -24.34 8.46 -7.29
CA LYS B 195 -25.60 7.82 -7.65
C LYS B 195 -26.29 7.24 -6.41
N ALA B 196 -25.48 6.93 -5.39
CA ALA B 196 -26.00 6.37 -4.14
C ALA B 196 -26.59 7.44 -3.24
N GLY B 197 -26.31 8.70 -3.56
CA GLY B 197 -26.86 9.81 -2.80
C GLY B 197 -25.90 10.44 -1.81
N LEU B 198 -24.62 10.12 -1.96
CA LEU B 198 -23.59 10.71 -1.10
C LEU B 198 -23.31 12.14 -1.51
N THR B 199 -23.13 13.02 -0.53
CA THR B 199 -22.78 14.40 -0.80
C THR B 199 -21.38 14.46 -1.36
N LEU B 200 -21.00 15.63 -1.90
CA LEU B 200 -19.68 15.80 -2.50
C LEU B 200 -18.56 15.51 -1.48
N GLN B 201 -18.75 15.97 -0.25
CA GLN B 201 -17.79 15.74 0.81
C GLN B 201 -17.68 14.26 1.15
N GLN B 202 -18.82 13.57 1.17
CA GLN B 202 -18.86 12.14 1.48
C GLN B 202 -18.17 11.32 0.39
N GLN B 203 -18.34 11.74 -0.86
CA GLN B 203 -17.70 11.07 -1.99
C GLN B 203 -16.17 11.13 -1.88
N HIS B 204 -15.65 12.31 -1.57
CA HIS B 204 -14.21 12.49 -1.40
C HIS B 204 -13.68 11.65 -0.25
N GLN B 205 -14.37 11.70 0.88
CA GLN B 205 -13.97 10.97 2.07
C GLN B 205 -14.05 9.47 1.88
N ARG B 206 -15.08 9.00 1.19
CA ARG B 206 -15.23 7.58 0.93
C ARG B 206 -14.17 7.10 -0.06
N LEU B 207 -13.92 7.91 -1.08
CA LEU B 207 -12.88 7.61 -2.07
C LEU B 207 -11.52 7.52 -1.39
N ALA B 208 -11.26 8.44 -0.47
CA ALA B 208 -10.00 8.48 0.26
C ALA B 208 -9.81 7.22 1.10
N GLN B 209 -10.83 6.86 1.87
CA GLN B 209 -10.75 5.72 2.76
C GLN B 209 -10.54 4.40 2.01
N LEU B 210 -11.21 4.26 0.87
CA LEU B 210 -11.07 3.05 0.06
C LEU B 210 -9.67 2.90 -0.50
N LEU B 211 -9.09 3.99 -0.98
CA LEU B 211 -7.76 3.95 -1.56
C LEU B 211 -6.68 3.80 -0.48
N LEU B 212 -6.96 4.28 0.73
CA LEU B 212 -6.05 4.09 1.85
C LEU B 212 -6.05 2.62 2.28
N ILE B 213 -7.16 1.93 2.05
CA ILE B 213 -7.24 0.51 2.36
C ILE B 213 -6.38 -0.28 1.38
N LEU B 214 -6.22 0.24 0.17
CA LEU B 214 -5.35 -0.39 -0.83
C LEU B 214 -3.90 -0.47 -0.36
N SER B 215 -3.47 0.53 0.41
CA SER B 215 -2.13 0.51 0.99
C SER B 215 -1.98 -0.65 1.95
N HIS B 216 -3.05 -0.92 2.71
CA HIS B 216 -3.06 -2.06 3.63
C HIS B 216 -3.00 -3.37 2.86
N ILE B 217 -3.68 -3.41 1.71
CA ILE B 217 -3.67 -4.59 0.85
C ILE B 217 -2.28 -4.82 0.27
N ARG B 218 -1.63 -3.73 -0.14
CA ARG B 218 -0.24 -3.81 -0.59
C ARG B 218 0.66 -4.34 0.53
N HIS B 219 0.43 -3.84 1.73
CA HIS B 219 1.20 -4.26 2.90
C HIS B 219 1.03 -5.75 3.17
N MET B 220 -0.21 -6.21 3.19
CA MET B 220 -0.51 -7.61 3.47
C MET B 220 0.06 -8.53 2.39
N SER B 221 0.04 -8.07 1.16
CA SER B 221 0.58 -8.82 0.04
C SER B 221 2.08 -9.09 0.22
N ASN B 222 2.82 -8.05 0.60
CA ASN B 222 4.25 -8.18 0.82
C ASN B 222 4.58 -9.09 1.98
N LYS B 223 3.77 -9.05 3.03
CA LYS B 223 3.97 -9.92 4.18
C LYS B 223 3.64 -11.37 3.81
N GLY B 224 2.56 -11.55 3.04
CA GLY B 224 2.16 -12.86 2.58
C GLY B 224 3.21 -13.47 1.65
N MET B 225 3.82 -12.62 0.84
CA MET B 225 4.88 -13.06 -0.07
C MET B 225 6.09 -13.57 0.73
N GLU B 226 6.42 -12.86 1.81
CA GLU B 226 7.48 -13.29 2.72
C GLU B 226 7.14 -14.64 3.31
N HIS B 227 5.90 -14.76 3.77
CA HIS B 227 5.40 -15.99 4.37
C HIS B 227 5.46 -17.16 3.38
N LEU B 228 5.21 -16.86 2.12
CA LEU B 228 5.28 -17.88 1.07
C LEU B 228 6.71 -18.32 0.83
N TYR B 229 7.66 -17.40 0.95
CA TYR B 229 9.07 -17.73 0.81
C TYR B 229 9.58 -18.53 2.00
N SER B 230 9.05 -18.23 3.18
CA SER B 230 9.47 -18.92 4.40
C SER B 230 9.06 -20.38 4.38
N MET B 231 7.98 -20.67 3.66
CA MET B 231 7.46 -22.03 3.59
C MET B 231 7.99 -22.77 2.36
N LYS B 232 8.19 -22.05 1.27
CA LYS B 232 8.74 -22.63 0.05
C LYS B 232 10.17 -23.10 0.29
N CYS B 233 10.91 -22.34 1.09
CA CYS B 233 12.28 -22.72 1.44
C CYS B 233 12.27 -23.86 2.46
N LYS B 234 11.16 -23.97 3.19
CA LYS B 234 11.02 -25.02 4.20
C LYS B 234 10.35 -26.26 3.64
N ASN B 235 10.15 -26.27 2.31
CA ASN B 235 9.53 -27.39 1.62
C ASN B 235 8.16 -27.74 2.19
N VAL B 236 7.39 -26.71 2.53
CA VAL B 236 6.10 -26.92 3.20
C VAL B 236 4.92 -26.63 2.28
N VAL B 237 5.19 -26.09 1.09
CA VAL B 237 4.13 -25.76 0.15
C VAL B 237 4.43 -26.28 -1.25
N PRO B 238 3.72 -27.35 -1.66
CA PRO B 238 3.87 -27.91 -3.01
C PRO B 238 3.33 -26.95 -4.07
N LEU B 239 4.20 -26.12 -4.62
CA LEU B 239 3.79 -25.09 -5.56
C LEU B 239 3.85 -25.56 -7.01
N SER B 240 2.99 -24.99 -7.85
CA SER B 240 3.00 -25.28 -9.28
C SER B 240 4.10 -24.48 -9.97
N ASP B 241 4.33 -24.76 -11.24
CA ASP B 241 5.28 -24.00 -12.04
C ASP B 241 4.82 -22.55 -12.16
N LEU B 242 3.51 -22.33 -12.25
CA LEU B 242 2.96 -20.99 -12.38
C LEU B 242 3.19 -20.18 -11.12
N LEU B 243 2.84 -20.75 -9.97
CA LEU B 243 2.99 -20.06 -8.68
C LEU B 243 4.45 -19.76 -8.38
N LEU B 244 5.34 -20.70 -8.70
CA LEU B 244 6.77 -20.49 -8.55
C LEU B 244 7.23 -19.31 -9.38
N GLU B 245 6.65 -19.17 -10.57
CA GLU B 245 6.96 -18.07 -11.47
C GLU B 245 6.45 -16.73 -10.92
N MET B 246 5.22 -16.74 -10.43
CA MET B 246 4.62 -15.54 -9.87
C MET B 246 5.33 -15.10 -8.59
N LEU B 247 5.79 -16.08 -7.81
CA LEU B 247 6.44 -15.81 -6.53
C LEU B 247 7.87 -15.31 -6.73
N ASP B 248 8.57 -15.86 -7.71
CA ASP B 248 9.97 -15.51 -7.95
C ASP B 248 10.11 -14.08 -8.48
N ALA B 249 9.01 -13.53 -9.00
CA ALA B 249 9.01 -12.16 -9.50
C ALA B 249 9.30 -11.16 -8.39
N HIS B 250 8.92 -11.52 -7.17
CA HIS B 250 9.20 -10.69 -6.00
C HIS B 250 10.52 -11.12 -5.34
N ARG B 251 11.62 -10.86 -6.04
CA ARG B 251 12.96 -11.23 -5.58
C ARG B 251 13.07 -12.73 -5.30
N HIS C 2 12.94 0.94 29.41
CA HIS C 2 11.81 1.04 28.50
C HIS C 2 12.26 1.16 27.04
N LYS C 3 11.29 1.17 26.13
CA LYS C 3 11.55 1.37 24.72
C LYS C 3 11.91 2.83 24.47
N ILE C 4 12.87 3.07 23.58
CA ILE C 4 13.32 4.43 23.29
C ILE C 4 12.19 5.28 22.72
N LEU C 5 11.49 4.72 21.73
CA LEU C 5 10.34 5.39 21.13
C LEU C 5 9.28 5.72 22.18
N HIS C 6 9.07 4.78 23.10
CA HIS C 6 8.11 4.94 24.18
C HIS C 6 8.49 6.12 25.08
N ARG C 7 9.77 6.24 25.40
CA ARG C 7 10.25 7.29 26.29
C ARG C 7 10.27 8.66 25.61
N LEU C 8 10.65 8.67 24.34
CA LEU C 8 10.74 9.92 23.58
C LEU C 8 9.36 10.55 23.37
N LEU C 9 8.33 9.72 23.29
CA LEU C 9 6.97 10.20 23.06
C LEU C 9 6.37 10.86 24.29
N GLN C 10 6.87 10.51 25.47
CA GLN C 10 6.36 11.06 26.71
C GLN C 10 7.30 12.11 27.31
N ASP C 11 8.53 12.14 26.82
CA ASP C 11 9.51 13.10 27.30
C ASP C 11 9.20 14.51 26.83
N LYS D 3 8.36 -18.13 -20.06
CA LYS D 3 7.46 -17.67 -19.01
C LYS D 3 6.04 -18.18 -19.24
N ILE D 4 5.51 -18.89 -18.24
CA ILE D 4 4.17 -19.47 -18.33
C ILE D 4 3.10 -18.40 -18.48
N LEU D 5 3.26 -17.29 -17.75
CA LEU D 5 2.32 -16.19 -17.78
C LEU D 5 2.10 -15.67 -19.21
N HIS D 6 3.14 -15.72 -20.02
CA HIS D 6 3.04 -15.30 -21.42
C HIS D 6 2.04 -16.16 -22.20
N ARG D 7 2.16 -17.48 -22.05
CA ARG D 7 1.28 -18.40 -22.75
C ARG D 7 -0.17 -18.25 -22.31
N LEU D 8 -0.37 -18.09 -21.00
CA LEU D 8 -1.72 -17.95 -20.46
C LEU D 8 -2.35 -16.61 -20.85
N LEU D 9 -1.51 -15.63 -21.14
CA LEU D 9 -1.99 -14.28 -21.47
C LEU D 9 -2.40 -14.14 -22.94
N GLN D 10 -2.39 -15.24 -23.68
CA GLN D 10 -2.76 -15.19 -25.08
C GLN D 10 -4.28 -15.33 -25.24
N ASP D 11 -4.75 -15.34 -26.49
CA ASP D 11 -6.17 -15.25 -26.79
C ASP D 11 -6.79 -13.98 -26.22
C01 5HX E . 16.38 1.18 3.17
C02 5HX E . 15.65 1.68 1.95
C03 5HX E . 15.85 3.17 1.67
C04 5HX E . 17.14 3.85 2.18
C05 5HX E . 18.37 3.60 1.30
C06 5HX E . 18.80 2.13 1.27
C07 5HX E . 18.84 1.54 2.67
C08 5HX E . 17.67 1.93 3.57
C09 5HX E . 17.46 3.45 3.59
C10 5HX E . 17.62 4.31 4.64
C11 5HX E . 17.91 3.86 5.86
C12 5HX E . 17.18 5.60 4.66
C13 5HX E . 16.99 3.69 6.81
C14 5HX E . 17.26 3.26 8.02
C15 5HX E . 18.50 2.97 8.35
C16 5HX E . 19.44 3.13 7.44
C17 5HX E . 19.15 3.58 6.24
C18 5HX E . 17.80 6.55 5.35
C19 5HX E . 17.40 7.81 5.41
C20 5HX E . 16.29 8.20 4.81
C21 5HX E . 15.63 7.28 4.14
C22 5HX E . 16.06 6.03 4.10
O01 5HX E . 15.85 9.45 4.87
C01 5HX F . -0.34 -15.67 1.72
C02 5HX F . -1.20 -14.79 2.64
C03 5HX F . -2.71 -15.07 2.51
C04 5HX F . -3.13 -16.52 2.14
C05 5HX F . -3.13 -17.51 3.33
C06 5HX F . -1.75 -17.91 3.88
C07 5HX F . -0.67 -18.03 2.79
C08 5HX F . -0.83 -17.12 1.55
C09 5HX F . -2.27 -17.10 1.02
C10 5HX F . -2.69 -17.55 -0.20
C11 5HX F . -1.89 -18.34 -0.97
C12 5HX F . -3.90 -17.28 -0.76
C13 5HX F . -1.39 -17.89 -2.14
C14 5HX F . -0.60 -18.64 -2.94
C15 5HX F . -0.28 -19.89 -2.58
C16 5HX F . -0.75 -20.38 -1.42
C17 5HX F . -1.54 -19.62 -0.65
C18 5HX F . -4.68 -18.28 -1.23
C19 5HX F . -5.88 -18.06 -1.80
C20 5HX F . -6.39 -16.82 -1.92
C21 5HX F . -5.63 -15.81 -1.45
C22 5HX F . -4.42 -16.04 -0.90
O01 5HX F . -7.59 -16.58 -2.48
#